data_4ATT
#
_entry.id   4ATT
#
_cell.length_a   31.010
_cell.length_b   42.300
_cell.length_c   96.350
_cell.angle_alpha   90.00
_cell.angle_beta   90.00
_cell.angle_gamma   90.00
#
_symmetry.space_group_name_H-M   'P 21 21 21'
#
loop_
_entity.id
_entity.type
_entity.pdbx_description
1 polymer FIMH
2 non-polymer '3-(4-methoxyphenyl)prop-2-yn-1-yl alpha-D-mannopyranoside'
3 water water
#
_entity_poly.entity_id   1
_entity_poly.type   'polypeptide(L)'
_entity_poly.pdbx_seq_one_letter_code
;FACKTANGTAIPIGGGSANVYVNLAPVVNVGQNLVVDLSTQIFCHNDYPETITDYVTLQRGSAYGGVLSNFSGTVKYSGS
SYPFPTTSETPRVVYNSRTDKPWPVALYLTPVSSAGGVAIKAGSLIAVLILRQTNNYNSDDFQFVWNIYANNDVVVPT
;
_entity_poly.pdbx_strand_id   A
#
loop_
_chem_comp.id
_chem_comp.type
_chem_comp.name
_chem_comp.formula
HNV D-saccharide '3-(4-methoxyphenyl)prop-2-yn-1-yl alpha-D-mannopyranoside' 'C16 H20 O7'
#
# COMPACT_ATOMS: atom_id res chain seq x y z
N PHE A 1 -5.18 12.18 13.21
CA PHE A 1 -5.01 11.30 12.07
C PHE A 1 -4.66 9.90 12.54
N ALA A 2 -5.43 8.92 12.08
CA ALA A 2 -5.14 7.53 12.37
C ALA A 2 -5.70 6.70 11.24
N CYS A 3 -5.39 5.41 11.25
CA CYS A 3 -5.75 4.53 10.15
CA CYS A 3 -5.84 4.56 10.17
C CYS A 3 -6.20 3.18 10.68
N LYS A 4 -6.97 2.45 9.89
CA LYS A 4 -7.33 1.09 10.26
C LYS A 4 -7.56 0.28 8.99
N THR A 5 -7.34 -1.02 9.08
CA THR A 5 -7.52 -1.86 7.92
C THR A 5 -8.93 -2.43 7.87
N ALA A 6 -9.27 -3.07 6.75
CA ALA A 6 -10.55 -3.75 6.61
C ALA A 6 -10.66 -4.90 7.61
N ASN A 7 -9.50 -5.33 8.11
CA ASN A 7 -9.39 -6.37 9.13
C ASN A 7 -9.57 -5.81 10.54
N GLY A 8 -9.78 -4.50 10.64
CA GLY A 8 -9.91 -3.85 11.93
C GLY A 8 -8.60 -3.55 12.64
N THR A 9 -7.48 -3.77 11.97
CA THR A 9 -6.17 -3.54 12.59
C THR A 9 -5.87 -2.03 12.56
N ALA A 10 -5.69 -1.45 13.74
CA ALA A 10 -5.57 0.00 13.88
C ALA A 10 -4.13 0.43 14.09
N ILE A 11 -3.75 1.55 13.48
CA ILE A 11 -2.53 2.25 13.86
C ILE A 11 -2.99 3.63 14.33
N PRO A 12 -2.70 3.96 15.59
CA PRO A 12 -3.25 5.18 16.17
C PRO A 12 -2.47 6.43 15.81
N ILE A 13 -2.96 7.58 16.29
CA ILE A 13 -2.23 8.83 16.23
C ILE A 13 -0.78 8.60 16.57
N GLY A 14 0.12 9.15 15.75
CA GLY A 14 1.55 9.01 15.99
C GLY A 14 2.23 7.94 15.16
N GLY A 15 1.44 7.13 14.44
CA GLY A 15 2.01 6.14 13.54
C GLY A 15 2.39 4.84 14.22
N GLY A 16 3.01 3.95 13.44
CA GLY A 16 3.25 2.58 13.88
C GLY A 16 3.29 1.65 12.69
N SER A 17 2.87 0.40 12.92
CA SER A 17 2.98 -0.64 11.89
CA SER A 17 2.95 -0.61 11.88
C SER A 17 1.81 -1.61 12.00
N ALA A 18 1.43 -2.20 10.88
CA ALA A 18 0.37 -3.19 10.86
C ALA A 18 0.52 -4.13 9.68
N ASN A 19 0.06 -5.36 9.88
CA ASN A 19 0.05 -6.36 8.83
C ASN A 19 -1.29 -6.37 8.10
N VAL A 20 -1.22 -6.54 6.77
CA VAL A 20 -2.38 -6.58 5.91
C VAL A 20 -2.30 -7.88 5.11
N TYR A 21 -3.39 -8.64 5.11
CA TYR A 21 -3.43 -9.97 4.48
C TYR A 21 -4.39 -9.94 3.31
N VAL A 22 -3.86 -10.15 2.11
CA VAL A 22 -4.65 -9.99 0.89
C VAL A 22 -4.80 -11.27 0.08
N ASN A 23 -5.97 -11.41 -0.53
CA ASN A 23 -6.23 -12.51 -1.44
C ASN A 23 -5.80 -12.09 -2.84
N LEU A 24 -4.98 -12.91 -3.48
CA LEU A 24 -4.40 -12.58 -4.80
C LEU A 24 -4.95 -13.51 -5.87
N ALA A 25 -5.06 -13.01 -7.10
CA ALA A 25 -5.41 -13.86 -8.23
C ALA A 25 -4.50 -15.09 -8.21
N PRO A 26 -5.06 -16.29 -8.42
CA PRO A 26 -4.26 -17.50 -8.24
C PRO A 26 -3.28 -17.75 -9.39
N VAL A 27 -3.61 -17.26 -10.58
CA VAL A 27 -2.82 -17.51 -11.78
C VAL A 27 -2.62 -16.21 -12.55
N VAL A 28 -1.37 -15.89 -12.88
CA VAL A 28 -1.05 -14.70 -13.64
CA VAL A 28 -1.05 -14.69 -13.65
C VAL A 28 0.03 -15.02 -14.67
N ASN A 29 -0.20 -14.65 -15.92
CA ASN A 29 0.75 -14.94 -16.99
C ASN A 29 1.85 -13.90 -17.09
N VAL A 30 3.02 -14.33 -17.56
CA VAL A 30 4.09 -13.41 -17.91
C VAL A 30 3.53 -12.32 -18.81
N GLY A 31 3.83 -11.05 -18.50
CA GLY A 31 3.35 -9.95 -19.31
C GLY A 31 2.03 -9.34 -18.89
N GLN A 32 1.29 -10.01 -18.01
CA GLN A 32 0.02 -9.47 -17.52
C GLN A 32 0.16 -9.04 -16.07
N ASN A 33 -0.80 -8.26 -15.59
CA ASN A 33 -0.70 -7.69 -14.24
C ASN A 33 -1.44 -8.50 -13.18
N LEU A 34 -0.75 -8.71 -12.07
CA LEU A 34 -1.37 -9.07 -10.82
C LEU A 34 -1.74 -7.75 -10.14
N VAL A 35 -3.03 -7.56 -9.86
CA VAL A 35 -3.50 -6.32 -9.26
C VAL A 35 -3.66 -6.49 -7.76
N VAL A 36 -2.98 -5.65 -6.99
CA VAL A 36 -3.12 -5.68 -5.53
C VAL A 36 -3.71 -4.36 -5.08
N ASP A 37 -5.01 -4.36 -4.84
CA ASP A 37 -5.74 -3.14 -4.53
C ASP A 37 -5.73 -2.93 -3.02
N LEU A 38 -4.96 -1.97 -2.53
CA LEU A 38 -4.99 -1.66 -1.11
C LEU A 38 -6.06 -0.65 -0.73
N SER A 39 -6.73 -0.05 -1.73
CA SER A 39 -7.76 0.96 -1.45
C SER A 39 -9.00 0.37 -0.77
N THR A 40 -9.16 -0.95 -0.85
CA THR A 40 -10.23 -1.63 -0.10
C THR A 40 -9.73 -2.16 1.24
N GLN A 41 -8.45 -1.95 1.54
CA GLN A 41 -7.82 -2.59 2.68
C GLN A 41 -7.38 -1.62 3.78
N ILE A 42 -7.03 -0.39 3.40
CA ILE A 42 -6.42 0.58 4.33
C ILE A 42 -7.22 1.88 4.25
N PHE A 43 -7.63 2.38 5.41
CA PHE A 43 -8.48 3.56 5.53
C PHE A 43 -7.92 4.49 6.61
N CYS A 44 -8.03 5.80 6.39
CA CYS A 44 -7.54 6.77 7.36
CA CYS A 44 -7.56 6.76 7.37
C CYS A 44 -8.52 7.94 7.49
N HIS A 45 -8.37 8.71 8.56
CA HIS A 45 -9.21 9.88 8.74
C HIS A 45 -8.45 10.97 9.48
N ASN A 46 -8.95 12.20 9.35
CA ASN A 46 -8.44 13.39 10.00
C ASN A 46 -9.25 13.65 11.29
N ASP A 47 -8.55 13.83 12.41
CA ASP A 47 -9.21 14.02 13.70
C ASP A 47 -9.60 15.46 14.03
N TYR A 48 -9.19 16.41 13.20
CA TYR A 48 -9.45 17.82 13.51
C TYR A 48 -9.49 18.67 12.25
N PRO A 49 -10.39 18.33 11.31
CA PRO A 49 -10.40 19.03 10.02
C PRO A 49 -10.86 20.48 10.10
N GLU A 50 -11.49 20.87 11.21
CA GLU A 50 -11.88 22.26 11.44
C GLU A 50 -10.68 23.19 11.37
N THR A 51 -9.51 22.67 11.74
CA THR A 51 -8.30 23.48 11.87
C THR A 51 -7.13 22.93 11.07
N ILE A 52 -7.09 21.61 10.88
CA ILE A 52 -5.91 20.96 10.32
C ILE A 52 -6.23 20.20 9.05
N THR A 53 -5.34 20.33 8.07
CA THR A 53 -5.35 19.45 6.90
C THR A 53 -4.17 18.49 7.03
N ASP A 54 -4.46 17.21 6.87
CA ASP A 54 -3.42 16.18 6.87
C ASP A 54 -2.92 15.94 5.45
N TYR A 55 -1.60 15.78 5.31
CA TYR A 55 -0.97 15.48 4.04
C TYR A 55 -0.42 14.06 4.10
N VAL A 56 -0.79 13.25 3.11
CA VAL A 56 -0.47 11.83 3.18
C VAL A 56 0.17 11.34 1.88
N THR A 57 1.38 10.81 1.99
CA THR A 57 2.08 10.29 0.83
C THR A 57 2.35 8.80 0.98
N LEU A 58 2.63 8.14 -0.14
CA LEU A 58 3.37 6.89 -0.12
C LEU A 58 4.84 7.32 -0.14
N GLN A 59 5.50 7.26 1.00
CA GLN A 59 6.87 7.72 1.07
C GLN A 59 7.80 6.75 0.37
N ARG A 60 7.54 5.46 0.57
CA ARG A 60 8.37 4.41 0.00
CA ARG A 60 8.35 4.42 -0.03
C ARG A 60 7.51 3.16 -0.15
N GLY A 61 7.62 2.50 -1.29
CA GLY A 61 7.00 1.21 -1.48
C GLY A 61 8.08 0.25 -1.93
N SER A 62 8.25 -0.85 -1.19
CA SER A 62 9.30 -1.81 -1.47
C SER A 62 8.69 -3.18 -1.76
N ALA A 63 9.33 -3.90 -2.67
CA ALA A 63 8.94 -5.25 -3.01
C ALA A 63 9.79 -6.26 -2.24
N TYR A 64 9.19 -7.41 -1.93
CA TYR A 64 9.90 -8.45 -1.21
C TYR A 64 9.58 -9.82 -1.75
N GLY A 65 10.43 -10.79 -1.39
CA GLY A 65 10.15 -12.18 -1.69
C GLY A 65 9.92 -12.46 -3.15
N GLY A 66 8.82 -13.15 -3.45
CA GLY A 66 8.52 -13.51 -4.82
C GLY A 66 8.21 -12.34 -5.73
N VAL A 67 7.74 -11.24 -5.16
CA VAL A 67 7.46 -10.06 -5.98
C VAL A 67 8.77 -9.45 -6.44
N LEU A 68 9.72 -9.29 -5.52
CA LEU A 68 11.03 -8.78 -5.88
C LEU A 68 11.73 -9.71 -6.88
N SER A 69 11.55 -11.02 -6.72
CA SER A 69 12.26 -11.98 -7.55
C SER A 69 11.64 -12.15 -8.94
N ASN A 70 10.31 -12.10 -9.00
CA ASN A 70 9.58 -12.58 -10.17
C ASN A 70 8.76 -11.55 -10.94
N PHE A 71 8.68 -10.32 -10.44
CA PHE A 71 7.78 -9.33 -11.02
C PHE A 71 8.45 -7.99 -11.28
N SER A 72 7.92 -7.24 -12.23
CA SER A 72 8.24 -5.83 -12.37
C SER A 72 6.94 -5.13 -12.06
N GLY A 73 7.00 -3.85 -11.71
CA GLY A 73 5.81 -3.23 -11.20
C GLY A 73 5.65 -1.74 -11.39
N THR A 74 4.41 -1.32 -11.24
CA THR A 74 4.09 0.07 -10.97
C THR A 74 3.14 0.12 -9.79
N VAL A 75 3.07 1.29 -9.17
CA VAL A 75 2.07 1.56 -8.16
C VAL A 75 1.24 2.74 -8.64
N LYS A 76 -0.09 2.62 -8.51
CA LYS A 76 -0.95 3.77 -8.75
C LYS A 76 -1.30 4.41 -7.42
N TYR A 77 -1.00 5.70 -7.30
CA TYR A 77 -1.34 6.46 -6.11
C TYR A 77 -2.32 7.52 -6.53
N SER A 78 -3.54 7.44 -5.98
CA SER A 78 -4.63 8.30 -6.42
C SER A 78 -4.84 8.22 -7.92
N GLY A 79 -4.64 7.03 -8.48
CA GLY A 79 -4.92 6.79 -9.89
C GLY A 79 -3.80 7.12 -10.87
N SER A 80 -2.70 7.67 -10.37
CA SER A 80 -1.55 8.01 -11.21
C SER A 80 -0.42 7.02 -11.00
N SER A 81 0.28 6.67 -12.08
CA SER A 81 1.27 5.58 -12.05
C SER A 81 2.68 6.02 -11.75
N TYR A 82 3.37 5.25 -10.92
CA TYR A 82 4.77 5.47 -10.58
C TYR A 82 5.53 4.15 -10.58
N PRO A 83 6.85 4.19 -10.74
CA PRO A 83 7.62 2.94 -10.63
C PRO A 83 7.44 2.25 -9.26
N PHE A 84 7.40 0.93 -9.28
CA PHE A 84 7.38 0.13 -8.06
C PHE A 84 8.34 -1.04 -8.26
N PRO A 85 9.31 -1.24 -7.34
CA PRO A 85 9.58 -0.47 -6.12
C PRO A 85 9.80 1.01 -6.39
N THR A 86 9.42 1.83 -5.43
CA THR A 86 9.39 3.27 -5.66
C THR A 86 10.80 3.84 -5.70
N THR A 87 10.93 4.95 -6.41
CA THR A 87 12.21 5.64 -6.53
C THR A 87 12.15 7.06 -5.97
N SER A 88 10.99 7.44 -5.43
CA SER A 88 10.81 8.73 -4.77
C SER A 88 9.52 8.64 -3.96
N GLU A 89 9.27 9.65 -3.13
CA GLU A 89 8.00 9.82 -2.45
C GLU A 89 6.96 10.39 -3.43
N THR A 90 5.71 9.94 -3.30
CA THR A 90 4.63 10.40 -4.16
C THR A 90 4.17 11.82 -3.82
N PRO A 91 3.32 12.41 -4.67
CA PRO A 91 2.57 13.59 -4.25
C PRO A 91 1.72 13.28 -3.03
N ARG A 92 1.28 14.33 -2.34
CA ARG A 92 0.45 14.16 -1.16
C ARG A 92 -1.03 14.15 -1.50
N VAL A 93 -1.78 13.31 -0.77
CA VAL A 93 -3.24 13.32 -0.79
C VAL A 93 -3.68 14.10 0.43
N VAL A 94 -4.63 15.02 0.24
CA VAL A 94 -5.16 15.74 1.39
CA VAL A 94 -5.20 15.76 1.36
C VAL A 94 -6.25 14.93 2.08
N TYR A 95 -6.12 14.80 3.39
CA TYR A 95 -7.14 14.16 4.22
C TYR A 95 -7.77 15.27 5.06
N ASN A 96 -9.01 15.61 4.73
CA ASN A 96 -9.74 16.72 5.34
CA ASN A 96 -9.69 16.71 5.42
C ASN A 96 -11.06 16.29 5.95
N SER A 97 -11.24 15.00 6.13
CA SER A 97 -12.50 14.52 6.67
C SER A 97 -12.32 13.61 7.87
N ARG A 98 -13.25 13.73 8.81
CA ARG A 98 -13.25 12.86 9.96
C ARG A 98 -13.82 11.48 9.64
N THR A 99 -14.66 11.41 8.60
CA THR A 99 -15.09 10.15 8.00
C THR A 99 -13.88 9.43 7.42
N ASP A 100 -13.79 8.12 7.63
CA ASP A 100 -12.71 7.35 7.00
C ASP A 100 -12.78 7.43 5.49
N LYS A 101 -11.62 7.48 4.86
CA LYS A 101 -11.52 7.37 3.41
CA LYS A 101 -11.57 7.32 3.42
C LYS A 101 -10.40 6.42 3.06
N PRO A 102 -10.49 5.76 1.89
CA PRO A 102 -9.45 4.82 1.49
C PRO A 102 -8.10 5.49 1.34
N TRP A 103 -7.04 4.72 1.55
CA TRP A 103 -5.70 5.12 1.12
C TRP A 103 -5.58 4.61 -0.32
N PRO A 104 -5.48 5.53 -1.30
CA PRO A 104 -5.67 5.14 -2.70
C PRO A 104 -4.41 4.56 -3.35
N VAL A 105 -4.09 3.33 -2.98
CA VAL A 105 -2.89 2.64 -3.45
C VAL A 105 -3.26 1.30 -4.06
N ALA A 106 -2.77 1.06 -5.28
CA ALA A 106 -2.90 -0.24 -5.92
C ALA A 106 -1.59 -0.59 -6.61
N LEU A 107 -1.17 -1.85 -6.49
CA LEU A 107 0.04 -2.32 -7.18
C LEU A 107 -0.33 -3.09 -8.43
N TYR A 108 0.46 -2.92 -9.49
CA TYR A 108 0.27 -3.64 -10.74
C TYR A 108 1.58 -4.35 -11.04
N LEU A 109 1.57 -5.65 -10.82
CA LEU A 109 2.80 -6.45 -10.78
C LEU A 109 2.78 -7.45 -11.93
N THR A 110 3.77 -7.34 -12.81
CA THR A 110 3.83 -8.16 -14.01
C THR A 110 4.93 -9.20 -13.88
N PRO A 111 4.61 -10.49 -14.05
CA PRO A 111 5.72 -11.44 -14.00
C PRO A 111 6.71 -11.21 -15.13
N VAL A 112 7.99 -11.29 -14.79
CA VAL A 112 9.05 -11.14 -15.78
C VAL A 112 9.32 -12.47 -16.46
N SER A 113 10.10 -12.43 -17.54
CA SER A 113 10.28 -13.61 -18.38
C SER A 113 10.85 -14.82 -17.63
N SER A 114 11.67 -14.57 -16.61
CA SER A 114 12.32 -15.65 -15.89
C SER A 114 11.36 -16.39 -14.97
N ALA A 115 10.22 -15.77 -14.68
CA ALA A 115 9.22 -16.34 -13.78
C ALA A 115 8.50 -17.54 -14.36
N GLY A 116 8.16 -18.48 -13.50
CA GLY A 116 7.40 -19.65 -13.89
C GLY A 116 7.17 -20.48 -12.65
N GLY A 117 6.01 -21.13 -12.59
CA GLY A 117 5.70 -21.94 -11.42
C GLY A 117 5.23 -21.07 -10.28
N VAL A 118 5.52 -21.47 -9.04
CA VAL A 118 5.05 -20.72 -7.90
C VAL A 118 5.87 -19.44 -7.76
N ALA A 119 5.24 -18.31 -8.02
CA ALA A 119 5.97 -17.05 -8.07
C ALA A 119 5.83 -16.22 -6.80
N ILE A 120 4.77 -16.47 -6.04
CA ILE A 120 4.56 -15.88 -4.72
C ILE A 120 4.04 -17.01 -3.83
N LYS A 121 4.64 -17.16 -2.65
CA LYS A 121 4.22 -18.20 -1.70
C LYS A 121 3.16 -17.69 -0.72
N ALA A 122 2.16 -18.52 -0.45
CA ALA A 122 1.19 -18.24 0.59
C ALA A 122 1.89 -17.84 1.89
N GLY A 123 1.37 -16.79 2.54
CA GLY A 123 1.92 -16.33 3.80
C GLY A 123 3.07 -15.36 3.65
N SER A 124 3.60 -15.20 2.43
CA SER A 124 4.82 -14.41 2.28
C SER A 124 4.56 -12.92 2.17
N LEU A 125 5.53 -12.13 2.63
CA LEU A 125 5.50 -10.69 2.44
C LEU A 125 5.70 -10.35 0.98
N ILE A 126 4.81 -9.52 0.44
CA ILE A 126 4.96 -9.10 -0.95
C ILE A 126 5.41 -7.64 -1.09
N ALA A 127 5.10 -6.82 -0.09
CA ALA A 127 5.38 -5.39 -0.17
C ALA A 127 5.36 -4.79 1.22
N VAL A 128 6.13 -3.73 1.42
CA VAL A 128 5.96 -2.85 2.55
C VAL A 128 5.69 -1.48 1.99
N LEU A 129 4.59 -0.88 2.42
CA LEU A 129 4.17 0.42 1.93
C LEU A 129 4.17 1.37 3.10
N ILE A 130 4.97 2.43 3.00
CA ILE A 130 5.07 3.39 4.08
C ILE A 130 4.24 4.61 3.80
N LEU A 131 3.18 4.77 4.58
CA LEU A 131 2.36 5.96 4.53
C LEU A 131 2.98 7.02 5.42
N ARG A 132 3.24 8.20 4.87
CA ARG A 132 3.78 9.29 5.68
C ARG A 132 2.74 10.39 5.84
N GLN A 133 2.45 10.73 7.09
CA GLN A 133 1.46 11.76 7.41
C GLN A 133 2.13 12.98 8.05
N THR A 134 1.87 14.14 7.44
CA THR A 134 2.26 15.43 8.01
C THR A 134 1.00 16.28 7.97
N ASN A 135 1.12 17.56 8.30
CA ASN A 135 -0.06 18.42 8.25
C ASN A 135 0.31 19.87 8.03
N ASN A 136 -0.70 20.74 7.96
CA ASN A 136 -0.48 22.17 7.72
C ASN A 136 -0.55 23.01 8.98
N TYR A 137 -0.38 22.38 10.14
CA TYR A 137 -0.63 23.05 11.40
C TYR A 137 0.53 22.99 12.38
N ASN A 138 1.14 21.82 12.54
CA ASN A 138 2.25 21.67 13.49
C ASN A 138 3.32 20.77 12.88
N SER A 139 4.22 20.25 13.71
CA SER A 139 5.40 19.57 13.20
C SER A 139 5.24 18.05 13.12
N ASP A 140 4.03 17.54 13.33
CA ASP A 140 3.83 16.10 13.30
C ASP A 140 4.28 15.47 11.98
N ASP A 141 5.04 14.38 12.08
CA ASP A 141 5.58 13.72 10.90
C ASP A 141 5.72 12.26 11.25
N PHE A 142 4.75 11.46 10.82
CA PHE A 142 4.60 10.10 11.31
C PHE A 142 4.49 9.11 10.18
N GLN A 143 5.09 7.93 10.37
CA GLN A 143 4.99 6.87 9.39
CA GLN A 143 5.02 6.85 9.40
C GLN A 143 4.03 5.79 9.87
N PHE A 144 3.18 5.36 8.95
CA PHE A 144 2.24 4.28 9.17
C PHE A 144 2.70 3.19 8.21
N VAL A 145 3.34 2.16 8.76
CA VAL A 145 4.03 1.16 7.94
C VAL A 145 3.15 -0.06 7.75
N TRP A 146 2.81 -0.35 6.49
CA TRP A 146 1.92 -1.46 6.17
C TRP A 146 2.69 -2.61 5.53
N ASN A 147 2.72 -3.74 6.22
CA ASN A 147 3.32 -4.96 5.68
C ASN A 147 2.22 -5.73 4.95
N ILE A 148 2.44 -6.01 3.67
CA ILE A 148 1.42 -6.66 2.87
C ILE A 148 1.82 -8.11 2.60
N TYR A 149 0.96 -9.06 3.01
CA TYR A 149 1.20 -10.49 2.87
C TYR A 149 0.17 -11.16 1.97
N ALA A 150 0.63 -12.14 1.19
CA ALA A 150 -0.23 -12.97 0.37
C ALA A 150 -0.91 -14.06 1.21
N ASN A 151 -2.22 -14.21 1.03
CA ASN A 151 -2.95 -15.33 1.65
C ASN A 151 -2.79 -16.65 0.91
N ASN A 152 -2.40 -16.60 -0.36
CA ASN A 152 -2.34 -17.79 -1.22
C ASN A 152 -1.15 -17.72 -2.15
N ASP A 153 -0.73 -18.89 -2.64
CA ASP A 153 0.27 -18.98 -3.70
C ASP A 153 -0.26 -18.28 -4.94
N VAL A 154 0.67 -17.73 -5.73
CA VAL A 154 0.36 -17.25 -7.08
C VAL A 154 1.23 -18.00 -8.07
N VAL A 155 0.58 -18.59 -9.08
CA VAL A 155 1.24 -19.42 -10.08
C VAL A 155 1.36 -18.67 -11.40
N VAL A 156 2.55 -18.73 -12.00
CA VAL A 156 2.79 -18.20 -13.34
C VAL A 156 2.91 -19.39 -14.27
N PRO A 157 1.94 -19.58 -15.18
CA PRO A 157 1.98 -20.74 -16.07
C PRO A 157 3.22 -20.77 -16.94
N THR A 158 3.61 -21.98 -17.34
CA THR A 158 4.73 -22.13 -18.26
C THR A 158 4.27 -22.78 -19.56
O6 HNV B . -5.83 14.57 11.92
C6 HNV B . -5.55 15.78 12.52
C5 HNV B . -4.50 15.72 13.57
O5 HNV B . -4.94 14.79 14.52
C4 HNV B . -3.14 15.29 13.02
O4 HNV B . -2.67 16.25 12.06
C3 HNV B . -2.21 15.11 14.09
O3 HNV B . -0.91 14.60 13.57
C2 HNV B . -2.67 14.24 15.14
O2 HNV B . -2.81 12.89 14.70
C1 HNV B . -4.05 14.65 15.60
O1 HNV B . -3.99 15.80 16.34
C7 HNV B . -5.18 16.18 16.91
C8 HNV B . -5.19 17.55 17.46
C9 HNV B . -5.21 18.66 17.94
C10 HNV B . -5.23 20.00 18.56
C15 HNV B . -4.27 20.95 18.24
C14 HNV B . -4.33 22.21 18.82
C13 HNV B . -5.35 22.49 19.72
O7 HNV B . -5.43 23.72 20.32
C16 HNV B . -4.59 24.73 19.90
C12 HNV B . -6.30 21.54 20.03
C11 HNV B . -6.25 20.29 19.46
#